data_1X92
#
_entry.id   1X92
#
_cell.length_a   126.338
_cell.length_b   126.338
_cell.length_c   113.240
_cell.angle_alpha   90.00
_cell.angle_beta   90.00
_cell.angle_gamma   120.00
#
_symmetry.space_group_name_H-M   'P 65 2 2'
#
loop_
_entity.id
_entity.type
_entity.pdbx_description
1 polymer 'PHOSPHOHEPTOSE ISOMERASE'
2 non-polymer 7-O-phosphono-D-glycero-alpha-D-manno-heptopyranose
3 water water
#
_entity_poly.entity_id   1
_entity_poly.type   'polypeptide(L)'
_entity_poly.pdbx_seq_one_letter_code
;GHMDMQHRIRQLFQASIETKQQALEVLPPYIEQASLVMVNALLNEGKILSCGNGGSAGDAQHFSSELLNRFERERPSLPA
VALTTDSSTITSIANDYSYNEVFSKQIRALGQPGDVLLAISTSGNSANVIQAIQAAHDREMLVVALTGRDGGGMASLLLP
EDVEIRVPSKITARIQEVHLLAIHCLCDLIDRQLFGSEE
;
_entity_poly.pdbx_strand_id   A,B
#
# COMPACT_ATOMS: atom_id res chain seq x y z
N ASP A 4 14.07 24.14 4.87
CA ASP A 4 12.72 24.00 5.49
C ASP A 4 12.06 22.69 5.05
N MET A 5 12.15 22.39 3.76
CA MET A 5 11.55 21.17 3.28
C MET A 5 12.29 19.97 3.81
N GLN A 6 13.61 20.08 3.94
CA GLN A 6 14.38 18.97 4.47
C GLN A 6 13.95 18.71 5.90
N HIS A 7 13.66 19.77 6.63
CA HIS A 7 13.28 19.62 8.02
C HIS A 7 11.90 19.00 8.09
N ARG A 8 11.02 19.39 7.21
CA ARG A 8 9.68 18.86 7.21
C ARG A 8 9.72 17.35 6.89
N ILE A 9 10.59 16.95 5.98
CA ILE A 9 10.70 15.56 5.60
C ILE A 9 11.22 14.78 6.81
N ARG A 10 12.26 15.31 7.44
CA ARG A 10 12.86 14.62 8.60
C ARG A 10 11.82 14.46 9.68
N GLN A 11 11.04 15.51 9.89
CA GLN A 11 9.98 15.50 10.88
C GLN A 11 8.97 14.38 10.55
N LEU A 12 8.64 14.21 9.27
CA LEU A 12 7.73 13.14 8.88
C LEU A 12 8.39 11.79 9.14
N PHE A 13 9.63 11.61 8.72
CA PHE A 13 10.31 10.34 8.97
C PHE A 13 10.35 10.01 10.47
N GLN A 14 10.66 11.03 11.25
CA GLN A 14 10.75 10.88 12.66
C GLN A 14 9.41 10.53 13.27
N ALA A 15 8.33 11.19 12.85
CA ALA A 15 7.00 10.91 13.39
C ALA A 15 6.62 9.48 12.97
N SER A 16 7.05 9.06 11.79
CA SER A 16 6.71 7.73 11.37
C SER A 16 7.48 6.75 12.24
N ILE A 17 8.77 7.03 12.47
CA ILE A 17 9.59 6.15 13.30
C ILE A 17 9.02 6.07 14.71
N GLU A 18 8.63 7.22 15.26
CA GLU A 18 8.08 7.23 16.61
C GLU A 18 6.79 6.43 16.70
N THR A 19 5.95 6.57 15.68
CA THR A 19 4.66 5.88 15.71
C THR A 19 4.91 4.38 15.69
N LYS A 20 5.92 3.94 14.95
CA LYS A 20 6.26 2.53 14.93
C LYS A 20 6.78 2.02 16.23
N GLN A 21 7.57 2.84 16.91
CA GLN A 21 8.13 2.48 18.22
C GLN A 21 6.97 2.40 19.20
N GLN A 22 6.01 3.29 19.10
CA GLN A 22 4.89 3.21 20.03
C GLN A 22 4.04 1.98 19.74
N ALA A 23 3.90 1.64 18.44
CA ALA A 23 3.12 0.48 18.06
C ALA A 23 3.87 -0.79 18.47
N LEU A 24 5.19 -0.77 18.48
CA LEU A 24 5.91 -1.98 18.90
C LEU A 24 5.62 -2.27 20.38
N GLU A 25 5.21 -1.26 21.13
CA GLU A 25 4.94 -1.51 22.55
C GLU A 25 3.60 -2.17 22.77
N VAL A 26 2.65 -2.00 21.87
CA VAL A 26 1.34 -2.59 22.14
C VAL A 26 0.76 -3.56 21.12
N LEU A 27 1.23 -3.49 19.89
CA LEU A 27 0.66 -4.33 18.86
C LEU A 27 1.05 -5.81 18.77
N PRO A 28 2.32 -6.16 18.99
CA PRO A 28 2.77 -7.54 18.90
C PRO A 28 1.84 -8.68 19.33
N PRO A 29 1.19 -8.58 20.51
CA PRO A 29 0.28 -9.65 20.94
C PRO A 29 -0.94 -9.77 20.02
N TYR A 30 -1.43 -8.64 19.51
CA TYR A 30 -2.59 -8.67 18.65
C TYR A 30 -2.17 -9.14 17.29
N ILE A 31 -0.99 -8.73 16.86
CA ILE A 31 -0.48 -9.14 15.55
C ILE A 31 -0.30 -10.67 15.54
N GLU A 32 0.22 -11.22 16.63
CA GLU A 32 0.41 -12.65 16.73
C GLU A 32 -0.95 -13.38 16.78
N GLN A 33 -1.87 -12.87 17.59
CA GLN A 33 -3.17 -13.48 17.67
C GLN A 33 -3.86 -13.49 16.29
N ALA A 34 -3.76 -12.36 15.57
CA ALA A 34 -4.34 -12.27 14.23
C ALA A 34 -3.68 -13.27 13.28
N SER A 35 -2.35 -13.43 13.36
CA SER A 35 -1.73 -14.41 12.44
C SER A 35 -2.21 -15.84 12.74
N LEU A 36 -2.42 -16.18 14.03
CA LEU A 36 -2.91 -17.51 14.41
C LEU A 36 -4.33 -17.69 13.88
N VAL A 37 -5.17 -16.65 13.97
CA VAL A 37 -6.52 -16.75 13.49
C VAL A 37 -6.49 -17.01 11.96
N MET A 38 -5.61 -16.31 11.27
CA MET A 38 -5.53 -16.52 9.85
C MET A 38 -4.94 -17.86 9.51
N VAL A 39 -3.90 -18.32 10.22
CA VAL A 39 -3.29 -19.61 9.89
C VAL A 39 -4.29 -20.74 10.13
N ASN A 40 -5.00 -20.69 11.26
CA ASN A 40 -5.98 -21.72 11.54
C ASN A 40 -7.06 -21.78 10.46
N ALA A 41 -7.44 -20.63 9.90
CA ALA A 41 -8.44 -20.66 8.86
C ALA A 41 -7.83 -21.28 7.58
N LEU A 42 -6.59 -20.91 7.29
CA LEU A 42 -5.99 -21.43 6.07
C LEU A 42 -5.80 -22.94 6.20
N LEU A 43 -5.54 -23.42 7.39
CA LEU A 43 -5.32 -24.84 7.60
C LEU A 43 -6.60 -25.64 7.50
N ASN A 44 -7.73 -24.95 7.55
CA ASN A 44 -9.00 -25.63 7.45
C ASN A 44 -9.78 -25.32 6.18
N GLU A 45 -9.08 -25.18 5.05
CA GLU A 45 -9.69 -24.88 3.72
C GLU A 45 -10.40 -23.53 3.67
N GLY A 46 -10.12 -22.65 4.63
CA GLY A 46 -10.74 -21.34 4.67
C GLY A 46 -9.98 -20.32 3.86
N LYS A 47 -10.58 -19.16 3.65
CA LYS A 47 -9.93 -18.12 2.88
C LYS A 47 -10.02 -16.80 3.64
N ILE A 48 -9.29 -15.81 3.17
CA ILE A 48 -9.31 -14.54 3.87
C ILE A 48 -9.81 -13.43 2.96
N LEU A 49 -10.75 -12.64 3.46
CA LEU A 49 -11.25 -11.56 2.63
C LEU A 49 -10.76 -10.25 3.21
N SER A 50 -10.35 -9.29 2.37
CA SER A 50 -9.89 -8.02 2.91
C SER A 50 -10.64 -6.84 2.28
N CYS A 51 -10.87 -5.79 3.02
CA CYS A 51 -11.52 -4.62 2.43
C CYS A 51 -11.00 -3.41 3.15
N GLY A 52 -11.21 -2.24 2.57
CA GLY A 52 -10.75 -0.98 3.17
C GLY A 52 -10.98 0.10 2.15
N ASN A 53 -10.78 1.37 2.53
CA ASN A 53 -10.96 2.42 1.63
C ASN A 53 -9.63 3.20 1.41
N GLY A 54 -9.49 3.80 0.22
CA GLY A 54 -8.31 4.60 -0.06
C GLY A 54 -6.99 3.84 0.14
N GLY A 55 -6.07 4.41 0.90
CA GLY A 55 -4.82 3.72 1.20
C GLY A 55 -5.15 2.38 1.80
N SER A 56 -6.31 2.26 2.46
CA SER A 56 -6.62 0.98 3.06
C SER A 56 -7.11 -0.01 2.01
N ALA A 57 -7.57 0.50 0.85
CA ALA A 57 -7.99 -0.45 -0.18
C ALA A 57 -6.65 -0.98 -0.76
N GLY A 58 -5.66 -0.10 -0.84
CA GLY A 58 -4.35 -0.50 -1.31
C GLY A 58 -3.76 -1.53 -0.38
N ASP A 59 -4.01 -1.43 0.91
CA ASP A 59 -3.47 -2.43 1.84
C ASP A 59 -4.21 -3.75 1.67
N ALA A 60 -5.53 -3.65 1.41
CA ALA A 60 -6.34 -4.84 1.23
C ALA A 60 -5.79 -5.67 0.07
N GLN A 61 -5.51 -5.03 -1.04
CA GLN A 61 -5.01 -5.80 -2.16
C GLN A 61 -3.51 -6.11 -2.00
N HIS A 62 -2.80 -5.37 -1.19
CA HIS A 62 -1.39 -5.66 -0.97
C HIS A 62 -1.34 -7.05 -0.26
N PHE A 63 -2.22 -7.21 0.73
CA PHE A 63 -2.29 -8.41 1.49
C PHE A 63 -2.76 -9.57 0.63
N SER A 64 -3.78 -9.36 -0.18
CA SER A 64 -4.27 -10.45 -0.96
C SER A 64 -3.17 -10.88 -1.98
N SER A 65 -2.40 -9.97 -2.54
CA SER A 65 -1.36 -10.37 -3.48
C SER A 65 -0.21 -11.12 -2.80
N GLU A 66 0.12 -10.74 -1.59
CA GLU A 66 1.22 -11.44 -0.90
C GLU A 66 0.83 -12.86 -0.69
N LEU A 67 -0.45 -13.09 -0.41
CA LEU A 67 -0.85 -14.47 -0.21
C LEU A 67 -1.08 -15.25 -1.49
N LEU A 68 -1.78 -14.65 -2.46
CA LEU A 68 -2.12 -15.30 -3.75
C LEU A 68 -0.87 -15.51 -4.62
N ASN A 69 0.12 -14.65 -4.47
CA ASN A 69 1.38 -14.82 -5.21
C ASN A 69 2.39 -15.24 -4.15
N ARG A 70 3.01 -14.30 -3.49
CA ARG A 70 3.96 -14.66 -2.49
C ARG A 70 4.48 -13.47 -1.74
N PHE A 71 4.96 -13.75 -0.54
CA PHE A 71 5.50 -12.70 0.32
C PHE A 71 7.04 -12.72 0.14
N GLU A 72 7.70 -13.76 0.62
CA GLU A 72 9.14 -13.79 0.46
C GLU A 72 9.58 -15.12 -0.11
N ARG A 73 9.58 -16.17 0.71
CA ARG A 73 9.96 -17.49 0.22
C ARG A 73 8.95 -18.01 -0.81
N GLU A 74 9.42 -18.90 -1.68
CA GLU A 74 8.57 -19.50 -2.67
C GLU A 74 7.74 -20.56 -1.95
N ARG A 75 6.44 -20.50 -2.10
CA ARG A 75 5.56 -21.48 -1.49
C ARG A 75 4.24 -21.47 -2.21
N PRO A 76 3.35 -22.38 -1.86
CA PRO A 76 2.09 -22.32 -2.61
C PRO A 76 1.23 -21.06 -2.36
N SER A 77 0.46 -20.69 -3.37
CA SER A 77 -0.45 -19.56 -3.29
C SER A 77 -1.39 -19.85 -2.17
N LEU A 78 -1.78 -18.83 -1.43
CA LEU A 78 -2.72 -19.01 -0.33
C LEU A 78 -3.96 -18.24 -0.69
N PRO A 79 -5.13 -18.74 -0.27
CA PRO A 79 -6.43 -18.12 -0.55
C PRO A 79 -6.80 -16.84 0.15
N ALA A 80 -6.74 -15.76 -0.61
CA ALA A 80 -7.14 -14.45 -0.09
C ALA A 80 -7.87 -13.71 -1.23
N VAL A 81 -8.87 -12.93 -0.89
CA VAL A 81 -9.55 -12.19 -1.90
C VAL A 81 -9.75 -10.77 -1.44
N ALA A 82 -9.28 -9.80 -2.21
CA ALA A 82 -9.51 -8.41 -1.82
C ALA A 82 -10.92 -8.00 -2.33
N LEU A 83 -11.76 -7.39 -1.50
CA LEU A 83 -13.15 -7.06 -1.95
C LEU A 83 -13.24 -5.66 -2.54
N THR A 84 -12.08 -5.07 -2.70
CA THR A 84 -11.98 -3.74 -3.16
C THR A 84 -11.64 -3.57 -4.62
N THR A 85 -11.35 -4.64 -5.33
CA THR A 85 -10.86 -4.49 -6.70
C THR A 85 -11.76 -4.63 -7.94
N ASP A 86 -12.89 -5.34 -7.85
CA ASP A 86 -13.80 -5.54 -8.97
C ASP A 86 -14.68 -4.26 -9.11
N SER A 87 -14.31 -3.38 -10.02
CA SER A 87 -15.01 -2.11 -10.17
C SER A 87 -16.51 -2.19 -10.54
N SER A 88 -16.89 -3.24 -11.28
CA SER A 88 -18.29 -3.45 -11.68
C SER A 88 -19.08 -3.81 -10.45
N THR A 89 -18.53 -4.65 -9.59
CA THR A 89 -19.24 -5.01 -8.39
C THR A 89 -19.40 -3.82 -7.47
N ILE A 90 -18.30 -3.11 -7.27
CA ILE A 90 -18.32 -1.98 -6.39
C ILE A 90 -19.23 -0.87 -6.86
N THR A 91 -19.09 -0.47 -8.11
CA THR A 91 -19.94 0.60 -8.61
C THR A 91 -21.41 0.18 -8.63
N SER A 92 -21.72 -1.06 -9.01
CA SER A 92 -23.12 -1.35 -9.06
C SER A 92 -23.76 -1.37 -7.71
N ILE A 93 -23.06 -1.90 -6.72
CA ILE A 93 -23.67 -1.98 -5.41
C ILE A 93 -23.91 -0.60 -4.88
N ALA A 94 -22.91 0.26 -5.03
CA ALA A 94 -23.02 1.61 -4.51
C ALA A 94 -24.09 2.39 -5.30
N ASN A 95 -24.17 2.11 -6.59
CA ASN A 95 -25.11 2.80 -7.42
C ASN A 95 -26.54 2.40 -7.12
N ASP A 96 -26.75 1.09 -7.03
CA ASP A 96 -28.08 0.53 -6.78
C ASP A 96 -28.65 0.73 -5.40
N TYR A 97 -27.79 0.65 -4.39
CA TYR A 97 -28.24 0.77 -3.01
C TYR A 97 -27.50 1.90 -2.32
N SER A 98 -26.33 1.61 -1.80
CA SER A 98 -25.54 2.67 -1.22
C SER A 98 -24.07 2.21 -1.08
N TYR A 99 -23.17 3.16 -0.98
CA TYR A 99 -21.76 2.85 -0.88
C TYR A 99 -21.50 2.01 0.39
N ASN A 100 -22.38 2.14 1.38
CA ASN A 100 -22.20 1.40 2.63
C ASN A 100 -22.25 -0.11 2.43
N GLU A 101 -22.85 -0.56 1.34
CA GLU A 101 -22.99 -2.00 1.15
C GLU A 101 -21.96 -2.68 0.25
N VAL A 102 -21.01 -1.93 -0.27
CA VAL A 102 -20.08 -2.49 -1.24
C VAL A 102 -19.28 -3.70 -0.77
N PHE A 103 -18.94 -3.78 0.53
CA PHE A 103 -18.20 -4.94 1.04
C PHE A 103 -19.13 -5.94 1.66
N SER A 104 -20.07 -5.48 2.48
CA SER A 104 -20.96 -6.38 3.18
C SER A 104 -21.71 -7.26 2.21
N LYS A 105 -22.16 -6.69 1.12
CA LYS A 105 -22.88 -7.52 0.17
C LYS A 105 -21.94 -8.62 -0.42
N GLN A 106 -20.65 -8.36 -0.63
CA GLN A 106 -19.81 -9.42 -1.19
C GLN A 106 -19.49 -10.48 -0.14
N ILE A 107 -19.38 -10.03 1.11
CA ILE A 107 -19.10 -10.96 2.21
C ILE A 107 -20.26 -11.94 2.41
N ARG A 108 -21.49 -11.44 2.36
CA ARG A 108 -22.65 -12.28 2.48
C ARG A 108 -22.63 -13.36 1.39
N ALA A 109 -22.13 -13.05 0.23
CA ALA A 109 -22.08 -14.13 -0.76
C ALA A 109 -20.87 -15.03 -0.63
N LEU A 110 -19.70 -14.44 -0.46
CA LEU A 110 -18.43 -15.19 -0.43
C LEU A 110 -18.00 -15.85 0.91
N GLY A 111 -18.45 -15.23 2.00
CA GLY A 111 -18.07 -15.68 3.31
C GLY A 111 -18.63 -17.02 3.69
N GLN A 112 -17.73 -17.90 4.15
CA GLN A 112 -18.08 -19.22 4.63
C GLN A 112 -17.66 -19.27 6.08
N PRO A 113 -18.34 -20.11 6.88
CA PRO A 113 -17.94 -20.16 8.28
C PRO A 113 -16.47 -20.52 8.47
N GLY A 114 -15.83 -19.84 9.41
CA GLY A 114 -14.42 -20.10 9.62
C GLY A 114 -13.54 -19.27 8.73
N ASP A 115 -14.07 -18.58 7.73
CA ASP A 115 -13.20 -17.74 6.91
C ASP A 115 -12.86 -16.55 7.79
N VAL A 116 -11.97 -15.72 7.30
CA VAL A 116 -11.56 -14.56 8.05
C VAL A 116 -11.71 -13.29 7.23
N LEU A 117 -12.13 -12.23 7.91
CA LEU A 117 -12.26 -10.94 7.27
C LEU A 117 -11.13 -10.04 7.79
N LEU A 118 -10.32 -9.48 6.90
CA LEU A 118 -9.27 -8.52 7.32
C LEU A 118 -9.94 -7.16 7.02
N ALA A 119 -10.36 -6.43 8.05
CA ALA A 119 -11.10 -5.17 7.85
C ALA A 119 -10.18 -4.05 8.23
N ILE A 120 -9.85 -3.22 7.25
CA ILE A 120 -8.89 -2.17 7.41
C ILE A 120 -9.48 -0.77 7.36
N SER A 121 -9.25 0.04 8.39
CA SER A 121 -9.78 1.41 8.49
C SER A 121 -8.96 2.23 9.46
N THR A 122 -8.37 3.32 9.02
CA THR A 122 -7.59 4.07 9.95
C THR A 122 -8.45 4.75 11.01
N SER A 123 -9.72 4.98 10.73
CA SER A 123 -10.53 5.63 11.76
C SER A 123 -11.34 4.62 12.55
N GLY A 124 -11.59 3.45 11.95
CA GLY A 124 -12.43 2.46 12.57
C GLY A 124 -13.87 2.89 12.35
N ASN A 125 -14.06 3.98 11.59
CA ASN A 125 -15.38 4.47 11.40
C ASN A 125 -16.01 4.49 10.00
N SER A 126 -15.39 3.80 9.05
CA SER A 126 -15.95 3.77 7.69
C SER A 126 -17.15 2.84 7.69
N ALA A 127 -18.28 3.40 7.26
CA ALA A 127 -19.57 2.69 7.23
C ALA A 127 -19.47 1.35 6.51
N ASN A 128 -18.85 1.36 5.34
CA ASN A 128 -18.78 0.10 4.63
C ASN A 128 -17.95 -0.97 5.33
N VAL A 129 -16.96 -0.56 6.12
CA VAL A 129 -16.18 -1.60 6.81
C VAL A 129 -16.91 -2.06 8.08
N ILE A 130 -17.68 -1.14 8.68
CA ILE A 130 -18.48 -1.45 9.84
C ILE A 130 -19.49 -2.49 9.37
N GLN A 131 -20.10 -2.23 8.23
CA GLN A 131 -21.07 -3.19 7.72
C GLN A 131 -20.41 -4.50 7.26
N ALA A 132 -19.15 -4.43 6.81
CA ALA A 132 -18.45 -5.66 6.38
C ALA A 132 -18.28 -6.58 7.58
N ILE A 133 -17.97 -5.98 8.74
CA ILE A 133 -17.79 -6.76 9.96
C ILE A 133 -19.11 -7.44 10.39
N GLN A 134 -20.24 -6.74 10.21
CA GLN A 134 -21.54 -7.31 10.58
C GLN A 134 -21.77 -8.51 9.66
N ALA A 135 -21.55 -8.28 8.38
CA ALA A 135 -21.74 -9.37 7.43
C ALA A 135 -20.80 -10.55 7.68
N ALA A 136 -19.54 -10.31 8.10
CA ALA A 136 -18.65 -11.48 8.35
C ALA A 136 -19.23 -12.29 9.54
N HIS A 137 -19.78 -11.57 10.52
CA HIS A 137 -20.39 -12.21 11.71
C HIS A 137 -21.58 -13.02 11.26
N ASP A 138 -22.36 -12.51 10.31
CA ASP A 138 -23.47 -13.29 9.79
C ASP A 138 -22.98 -14.52 9.10
N ARG A 139 -21.76 -14.51 8.54
CA ARG A 139 -21.28 -15.71 7.89
C ARG A 139 -20.42 -16.53 8.81
N GLU A 140 -20.46 -16.22 10.09
CA GLU A 140 -19.66 -16.94 11.05
C GLU A 140 -18.17 -16.87 10.73
N MET A 141 -17.71 -15.66 10.43
CA MET A 141 -16.32 -15.46 10.14
C MET A 141 -15.69 -14.72 11.31
N LEU A 142 -14.38 -14.85 11.42
CA LEU A 142 -13.65 -14.16 12.47
C LEU A 142 -13.16 -12.91 11.78
N VAL A 143 -12.85 -11.90 12.56
CA VAL A 143 -12.43 -10.67 12.00
C VAL A 143 -11.11 -10.18 12.53
N VAL A 144 -10.23 -9.80 11.63
CA VAL A 144 -9.01 -9.16 12.08
C VAL A 144 -9.23 -7.70 11.63
N ALA A 145 -9.28 -6.79 12.58
CA ALA A 145 -9.49 -5.37 12.25
C ALA A 145 -8.24 -4.54 12.48
N LEU A 146 -7.75 -3.85 11.43
CA LEU A 146 -6.58 -2.98 11.49
C LEU A 146 -7.22 -1.62 11.62
N THR A 147 -6.93 -0.97 12.71
CA THR A 147 -7.55 0.32 13.00
C THR A 147 -6.56 1.30 13.57
N GLY A 148 -7.14 2.42 13.96
CA GLY A 148 -6.38 3.48 14.56
C GLY A 148 -7.34 4.31 15.42
N ARG A 149 -6.80 5.40 15.94
CA ARG A 149 -7.62 6.28 16.78
C ARG A 149 -8.26 5.51 17.91
N ASP A 150 -9.57 5.65 18.07
CA ASP A 150 -10.20 4.96 19.17
C ASP A 150 -10.91 3.68 18.73
N GLY A 151 -10.71 3.22 17.49
CA GLY A 151 -11.35 2.00 16.99
C GLY A 151 -12.74 2.20 16.36
N GLY A 152 -13.33 3.37 16.63
CA GLY A 152 -14.63 3.76 16.08
C GLY A 152 -15.75 2.77 16.20
N GLY A 153 -16.59 2.68 15.17
CA GLY A 153 -17.70 1.74 15.22
C GLY A 153 -17.18 0.33 15.02
N MET A 154 -16.10 0.15 14.27
CA MET A 154 -15.59 -1.20 14.07
C MET A 154 -15.28 -1.90 15.38
N ALA A 155 -14.61 -1.21 16.31
CA ALA A 155 -14.29 -1.83 17.58
C ALA A 155 -15.54 -2.24 18.37
N SER A 156 -16.65 -1.49 18.34
CA SER A 156 -17.86 -1.93 19.10
C SER A 156 -18.42 -3.19 18.49
N LEU A 157 -18.25 -3.38 17.18
CA LEU A 157 -18.81 -4.61 16.62
C LEU A 157 -17.99 -5.87 16.88
N LEU A 158 -16.70 -5.72 17.21
CA LEU A 158 -15.89 -6.94 17.39
C LEU A 158 -16.41 -7.85 18.46
N LEU A 159 -16.37 -9.14 18.18
CA LEU A 159 -16.79 -10.19 19.09
C LEU A 159 -15.54 -10.79 19.78
N PRO A 160 -15.73 -11.54 20.88
CA PRO A 160 -14.60 -12.13 21.63
C PRO A 160 -13.52 -12.89 20.83
N GLU A 161 -13.91 -13.61 19.82
CA GLU A 161 -12.92 -14.33 19.01
C GLU A 161 -12.19 -13.42 17.99
N ASP A 162 -12.69 -12.21 17.77
CA ASP A 162 -12.06 -11.30 16.81
C ASP A 162 -10.80 -10.68 17.38
N VAL A 163 -10.01 -10.08 16.52
CA VAL A 163 -8.79 -9.46 16.99
C VAL A 163 -8.69 -8.07 16.42
N GLU A 164 -8.33 -7.10 17.24
CA GLU A 164 -8.16 -5.74 16.77
C GLU A 164 -6.70 -5.38 16.82
N ILE A 165 -6.18 -4.70 15.81
CA ILE A 165 -4.82 -4.26 15.83
C ILE A 165 -5.01 -2.73 15.68
N ARG A 166 -5.05 -2.04 16.81
CA ARG A 166 -5.30 -0.61 16.82
C ARG A 166 -4.03 0.18 16.93
N VAL A 167 -3.62 0.83 15.86
CA VAL A 167 -2.43 1.65 15.88
C VAL A 167 -2.65 2.82 16.85
N PRO A 168 -1.67 3.07 17.73
CA PRO A 168 -1.74 4.17 18.72
C PRO A 168 -1.37 5.52 18.05
N SER A 169 -2.28 5.98 17.16
CA SER A 169 -2.07 7.22 16.43
C SER A 169 -3.41 7.76 15.96
N LYS A 170 -3.45 9.04 15.67
CA LYS A 170 -4.65 9.70 15.17
C LYS A 170 -4.44 10.18 13.75
N ILE A 171 -3.18 10.05 13.25
CA ILE A 171 -2.85 10.51 11.92
C ILE A 171 -2.97 9.38 10.87
N THR A 172 -3.96 9.49 9.98
CA THR A 172 -4.20 8.52 8.95
C THR A 172 -2.91 8.06 8.22
N ALA A 173 -2.04 8.98 7.83
CA ALA A 173 -0.83 8.55 7.10
C ALA A 173 0.09 7.69 7.98
N ARG A 174 0.21 8.04 9.26
CA ARG A 174 1.04 7.27 10.16
C ARG A 174 0.37 5.92 10.36
N ILE A 175 -0.95 5.95 10.54
CA ILE A 175 -1.67 4.73 10.75
C ILE A 175 -1.48 3.73 9.59
N GLN A 176 -1.56 4.23 8.35
CA GLN A 176 -1.39 3.37 7.18
C GLN A 176 0.02 2.78 7.14
N GLU A 177 1.00 3.55 7.62
CA GLU A 177 2.37 3.08 7.62
C GLU A 177 2.51 1.90 8.56
N VAL A 178 1.83 1.95 9.67
CA VAL A 178 1.96 0.83 10.60
C VAL A 178 1.14 -0.33 10.05
N HIS A 179 -0.04 -0.04 9.49
CA HIS A 179 -0.85 -1.11 8.91
C HIS A 179 -0.02 -1.89 7.89
N LEU A 180 0.73 -1.19 7.07
CA LEU A 180 1.51 -1.92 6.05
C LEU A 180 2.54 -2.84 6.73
N LEU A 181 3.21 -2.32 7.77
CA LEU A 181 4.17 -3.11 8.50
C LEU A 181 3.44 -4.27 9.15
N ALA A 182 2.25 -3.99 9.73
CA ALA A 182 1.51 -5.04 10.41
C ALA A 182 1.18 -6.21 9.47
N ILE A 183 0.79 -5.87 8.24
CA ILE A 183 0.46 -6.84 7.19
C ILE A 183 1.72 -7.65 6.78
N HIS A 184 2.87 -7.03 6.73
CA HIS A 184 4.08 -7.78 6.41
C HIS A 184 4.38 -8.71 7.56
N CYS A 185 4.06 -8.27 8.78
CA CYS A 185 4.28 -9.18 9.89
C CYS A 185 3.37 -10.41 9.75
N LEU A 186 2.08 -10.15 9.50
CA LEU A 186 1.10 -11.22 9.32
C LEU A 186 1.58 -12.13 8.19
N CYS A 187 1.97 -11.56 7.07
CA CYS A 187 2.43 -12.45 5.98
C CYS A 187 3.64 -13.31 6.39
N ASP A 188 4.59 -12.69 7.08
CA ASP A 188 5.77 -13.40 7.51
C ASP A 188 5.40 -14.51 8.54
N LEU A 189 4.53 -14.17 9.51
CA LEU A 189 4.14 -15.14 10.54
C LEU A 189 3.33 -16.30 9.94
N ILE A 190 2.54 -16.02 8.93
CA ILE A 190 1.73 -17.07 8.31
C ILE A 190 2.70 -18.04 7.62
N ASP A 191 3.65 -17.52 6.86
CA ASP A 191 4.62 -18.40 6.18
C ASP A 191 5.39 -19.27 7.17
N ARG A 192 5.85 -18.66 8.27
CA ARG A 192 6.63 -19.39 9.24
C ARG A 192 5.82 -20.48 9.91
N GLN A 193 4.57 -20.15 10.23
CA GLN A 193 3.69 -21.10 10.88
C GLN A 193 3.34 -22.24 9.96
N LEU A 194 3.08 -21.96 8.69
CA LEU A 194 2.68 -23.00 7.76
C LEU A 194 3.86 -23.76 7.17
N PHE A 195 4.97 -23.11 6.90
CA PHE A 195 6.05 -23.84 6.29
C PHE A 195 7.35 -23.84 7.05
N GLY A 196 7.30 -23.45 8.33
CA GLY A 196 8.49 -23.42 9.15
C GLY A 196 9.42 -22.25 8.85
N SER A 197 10.42 -22.05 9.68
CA SER A 197 11.40 -20.96 9.52
C SER A 197 12.39 -21.25 8.38
N GLY B 1 2.29 -14.37 22.54
CA GLY B 1 3.17 -14.87 23.68
C GLY B 1 4.14 -15.93 23.25
N HIS B 2 3.73 -16.79 22.29
CA HIS B 2 4.60 -17.86 21.76
C HIS B 2 5.98 -17.31 21.36
N MET B 3 6.97 -18.03 21.86
CA MET B 3 8.37 -17.74 21.75
C MET B 3 8.80 -17.08 20.50
N ASP B 4 8.80 -17.86 19.41
CA ASP B 4 9.27 -17.38 18.14
C ASP B 4 8.46 -16.26 17.56
N MET B 5 7.15 -16.33 17.70
CA MET B 5 6.31 -15.31 17.12
C MET B 5 6.52 -13.93 17.69
N GLN B 6 6.57 -13.79 19.01
CA GLN B 6 6.75 -12.48 19.60
C GLN B 6 8.15 -11.98 19.30
N HIS B 7 9.10 -12.90 19.17
CA HIS B 7 10.46 -12.49 18.89
C HIS B 7 10.57 -11.96 17.47
N ARG B 8 9.96 -12.69 16.54
CA ARG B 8 9.98 -12.37 15.14
C ARG B 8 9.34 -11.02 14.83
N ILE B 9 8.19 -10.77 15.44
CA ILE B 9 7.45 -9.51 15.23
C ILE B 9 8.33 -8.36 15.73
N ARG B 10 8.94 -8.54 16.90
CA ARG B 10 9.76 -7.47 17.42
C ARG B 10 10.90 -7.21 16.45
N GLN B 11 11.50 -8.28 15.95
CA GLN B 11 12.60 -8.20 15.02
C GLN B 11 12.23 -7.50 13.70
N LEU B 12 11.01 -7.72 13.23
CA LEU B 12 10.54 -7.10 12.01
C LEU B 12 10.30 -5.61 12.22
N PHE B 13 9.72 -5.25 13.36
CA PHE B 13 9.46 -3.85 13.68
C PHE B 13 10.79 -3.11 13.76
N GLN B 14 11.75 -3.73 14.44
CA GLN B 14 13.05 -3.13 14.59
C GLN B 14 13.72 -2.98 13.25
N ALA B 15 13.58 -3.97 12.39
CA ALA B 15 14.25 -3.84 11.12
C ALA B 15 13.59 -2.73 10.31
N SER B 16 12.27 -2.57 10.46
CA SER B 16 11.54 -1.53 9.70
C SER B 16 11.98 -0.16 10.26
N ILE B 17 12.01 -0.02 11.58
CA ILE B 17 12.46 1.17 12.23
C ILE B 17 13.90 1.48 11.82
N GLU B 18 14.83 0.51 11.88
CA GLU B 18 16.22 0.81 11.50
C GLU B 18 16.34 1.22 10.06
N THR B 19 15.62 0.58 9.18
CA THR B 19 15.68 0.92 7.77
C THR B 19 15.21 2.37 7.59
N LYS B 20 14.15 2.78 8.28
CA LYS B 20 13.73 4.17 8.13
C LYS B 20 14.79 5.15 8.64
N GLN B 21 15.51 4.74 9.68
CA GLN B 21 16.55 5.58 10.24
C GLN B 21 17.70 5.75 9.28
N GLN B 22 18.00 4.73 8.49
CA GLN B 22 19.08 4.86 7.55
C GLN B 22 18.56 5.66 6.38
N ALA B 23 17.26 5.50 6.11
CA ALA B 23 16.73 6.19 4.96
C ALA B 23 16.64 7.64 5.28
N LEU B 24 16.33 7.92 6.53
CA LEU B 24 16.26 9.30 6.99
C LEU B 24 17.56 10.02 6.79
N GLU B 25 18.64 9.28 6.71
CA GLU B 25 19.94 9.91 6.53
C GLU B 25 20.30 10.14 5.08
N VAL B 26 19.64 9.50 4.15
CA VAL B 26 20.05 9.77 2.79
C VAL B 26 18.96 10.17 1.83
N LEU B 27 17.72 9.95 2.20
CA LEU B 27 16.65 10.26 1.25
C LEU B 27 16.07 11.65 1.14
N PRO B 28 16.03 12.42 2.24
CA PRO B 28 15.45 13.78 2.21
C PRO B 28 15.78 14.70 1.01
N PRO B 29 17.07 14.76 0.61
CA PRO B 29 17.42 15.61 -0.54
C PRO B 29 16.70 15.14 -1.81
N TYR B 30 16.69 13.81 -2.02
CA TYR B 30 16.04 13.28 -3.21
C TYR B 30 14.52 13.43 -3.14
N ILE B 31 13.94 13.19 -1.97
CA ILE B 31 12.51 13.31 -1.80
C ILE B 31 12.12 14.75 -2.10
N GLU B 32 12.92 15.71 -1.67
CA GLU B 32 12.59 17.09 -1.97
C GLU B 32 12.70 17.38 -3.49
N GLN B 33 13.82 16.98 -4.13
CA GLN B 33 13.94 17.24 -5.57
C GLN B 33 12.75 16.64 -6.29
N ALA B 34 12.39 15.41 -5.90
CA ALA B 34 11.29 14.74 -6.56
C ALA B 34 9.99 15.53 -6.36
N SER B 35 9.73 16.08 -5.18
CA SER B 35 8.47 16.81 -4.99
C SER B 35 8.45 18.09 -5.85
N LEU B 36 9.63 18.71 -6.04
CA LEU B 36 9.71 19.89 -6.87
C LEU B 36 9.43 19.51 -8.34
N VAL B 37 9.96 18.35 -8.81
CA VAL B 37 9.66 17.96 -10.20
C VAL B 37 8.14 17.80 -10.38
N MET B 38 7.51 17.17 -9.40
CA MET B 38 6.08 16.95 -9.45
C MET B 38 5.26 18.24 -9.35
N VAL B 39 5.64 19.09 -8.43
CA VAL B 39 4.97 20.35 -8.26
C VAL B 39 5.10 21.15 -9.57
N ASN B 40 6.27 21.19 -10.18
CA ASN B 40 6.39 21.97 -11.43
C ASN B 40 5.46 21.42 -12.49
N ALA B 41 5.47 20.09 -12.65
CA ALA B 41 4.58 19.46 -13.61
C ALA B 41 3.11 19.82 -13.32
N LEU B 42 2.71 19.76 -12.06
CA LEU B 42 1.32 20.06 -11.76
C LEU B 42 0.98 21.52 -12.05
N LEU B 43 1.89 22.42 -11.72
CA LEU B 43 1.64 23.81 -11.95
C LEU B 43 1.53 24.05 -13.44
N ASN B 44 2.28 23.30 -14.24
CA ASN B 44 2.22 23.52 -15.67
C ASN B 44 1.09 22.75 -16.32
N GLU B 45 0.09 22.41 -15.51
CA GLU B 45 -1.07 21.68 -16.02
C GLU B 45 -0.72 20.26 -16.48
N GLY B 46 0.41 19.72 -16.03
CA GLY B 46 0.77 18.39 -16.43
C GLY B 46 0.13 17.41 -15.45
N LYS B 47 0.39 16.14 -15.63
CA LYS B 47 -0.16 15.14 -14.75
C LYS B 47 0.91 14.14 -14.37
N ILE B 48 0.60 13.30 -13.38
CA ILE B 48 1.57 12.32 -12.96
C ILE B 48 1.03 10.89 -13.17
N LEU B 49 1.85 10.06 -13.82
CA LEU B 49 1.48 8.71 -14.10
C LEU B 49 2.32 7.87 -13.19
N SER B 50 1.75 6.82 -12.63
CA SER B 50 2.51 5.98 -11.72
C SER B 50 2.37 4.54 -12.12
N CYS B 51 3.40 3.74 -11.81
CA CYS B 51 3.34 2.33 -12.16
C CYS B 51 4.26 1.52 -11.25
N GLY B 52 4.05 0.22 -11.24
CA GLY B 52 4.81 -0.67 -10.37
C GLY B 52 4.14 -2.01 -10.40
N ASN B 53 4.79 -3.00 -9.83
CA ASN B 53 4.27 -4.34 -9.75
C ASN B 53 4.01 -4.76 -8.30
N GLY B 54 3.02 -5.63 -8.08
CA GLY B 54 2.72 -6.12 -6.72
C GLY B 54 2.48 -5.02 -5.67
N GLY B 55 3.28 -5.02 -4.58
CA GLY B 55 3.16 -3.98 -3.58
C GLY B 55 3.42 -2.60 -4.22
N SER B 56 4.28 -2.55 -5.22
CA SER B 56 4.54 -1.29 -5.85
C SER B 56 3.33 -0.88 -6.68
N ALA B 57 2.52 -1.83 -7.15
CA ALA B 57 1.34 -1.39 -7.91
C ALA B 57 0.39 -0.79 -6.87
N GLY B 58 0.43 -1.33 -5.65
CA GLY B 58 -0.45 -0.80 -4.62
C GLY B 58 -0.04 0.63 -4.33
N ASP B 59 1.27 0.86 -4.35
CA ASP B 59 1.81 2.20 -4.10
C ASP B 59 1.51 3.13 -5.24
N ALA B 60 1.54 2.63 -6.47
CA ALA B 60 1.23 3.48 -7.57
C ALA B 60 -0.22 4.06 -7.43
N GLN B 61 -1.19 3.25 -7.02
CA GLN B 61 -2.55 3.75 -6.92
C GLN B 61 -2.79 4.46 -5.59
N HIS B 62 -1.96 4.18 -4.61
CA HIS B 62 -2.11 4.88 -3.36
C HIS B 62 -1.71 6.33 -3.72
N PHE B 63 -0.60 6.48 -4.45
CA PHE B 63 -0.20 7.81 -4.83
C PHE B 63 -1.27 8.54 -5.66
N SER B 64 -1.78 7.83 -6.67
CA SER B 64 -2.75 8.43 -7.52
C SER B 64 -3.99 8.87 -6.72
N SER B 65 -4.48 8.00 -5.82
CA SER B 65 -5.66 8.33 -5.07
C SER B 65 -5.42 9.52 -4.11
N GLU B 66 -4.20 9.66 -3.57
CA GLU B 66 -3.90 10.78 -2.66
C GLU B 66 -4.09 12.10 -3.40
N LEU B 67 -3.64 12.12 -4.67
CA LEU B 67 -3.76 13.32 -5.45
C LEU B 67 -5.17 13.52 -5.99
N LEU B 68 -5.82 12.46 -6.51
CA LEU B 68 -7.14 12.63 -7.12
C LEU B 68 -8.22 12.90 -6.11
N ASN B 69 -7.99 12.47 -4.88
CA ASN B 69 -8.97 12.77 -3.90
C ASN B 69 -8.36 13.84 -2.98
N ARG B 70 -7.60 13.37 -2.00
CA ARG B 70 -6.98 14.22 -1.04
C ARG B 70 -5.92 13.46 -0.19
N PHE B 71 -4.94 14.20 0.31
CA PHE B 71 -3.94 13.62 1.19
C PHE B 71 -4.35 13.98 2.62
N GLU B 72 -4.19 15.24 2.99
CA GLU B 72 -4.62 15.66 4.33
C GLU B 72 -5.52 16.88 4.21
N ARG B 73 -4.95 18.01 3.85
CA ARG B 73 -5.74 19.22 3.72
C ARG B 73 -6.76 19.17 2.62
N GLU B 74 -7.84 19.87 2.85
CA GLU B 74 -8.90 19.95 1.87
C GLU B 74 -8.38 20.83 0.71
N ARG B 75 -8.32 20.30 -0.49
CA ARG B 75 -7.89 21.11 -1.60
C ARG B 75 -8.38 20.42 -2.84
N PRO B 76 -8.33 21.11 -3.98
CA PRO B 76 -8.82 20.46 -5.21
C PRO B 76 -8.05 19.20 -5.63
N SER B 77 -8.74 18.34 -6.35
CA SER B 77 -8.13 17.11 -6.84
C SER B 77 -7.02 17.47 -7.87
N LEU B 78 -5.95 16.70 -7.82
CA LEU B 78 -4.78 16.87 -8.64
C LEU B 78 -4.69 15.76 -9.65
N PRO B 79 -4.20 16.06 -10.87
CA PRO B 79 -4.10 15.04 -11.90
C PRO B 79 -2.98 14.01 -11.80
N ALA B 80 -3.38 12.78 -11.52
CA ALA B 80 -2.52 11.60 -11.44
C ALA B 80 -3.29 10.40 -11.98
N VAL B 81 -2.56 9.47 -12.54
CA VAL B 81 -3.24 8.34 -13.06
C VAL B 81 -2.34 7.16 -12.80
N ALA B 82 -2.88 6.12 -12.14
CA ALA B 82 -2.11 4.91 -11.92
C ALA B 82 -2.33 4.05 -13.20
N LEU B 83 -1.24 3.54 -13.75
CA LEU B 83 -1.27 2.77 -14.99
C LEU B 83 -1.45 1.29 -14.71
N THR B 84 -1.65 0.98 -13.45
CA THR B 84 -1.79 -0.38 -13.04
C THR B 84 -3.24 -0.82 -12.75
N THR B 85 -4.22 0.08 -12.82
CA THR B 85 -5.54 -0.37 -12.42
C THR B 85 -6.55 -0.93 -13.48
N ASP B 86 -6.41 -0.53 -14.72
CA ASP B 86 -7.34 -0.96 -15.77
C ASP B 86 -6.96 -2.37 -16.23
N SER B 87 -7.65 -3.36 -15.65
CA SER B 87 -7.39 -4.77 -15.95
C SER B 87 -7.57 -5.14 -17.45
N SER B 88 -8.54 -4.54 -18.13
CA SER B 88 -8.76 -4.82 -19.56
C SER B 88 -7.55 -4.34 -20.32
N THR B 89 -7.07 -3.14 -19.99
CA THR B 89 -5.93 -2.63 -20.69
C THR B 89 -4.69 -3.48 -20.43
N ILE B 90 -4.42 -3.74 -19.16
CA ILE B 90 -3.27 -4.51 -18.77
C ILE B 90 -3.22 -5.92 -19.33
N THR B 91 -4.35 -6.62 -19.16
CA THR B 91 -4.41 -8.01 -19.67
C THR B 91 -4.33 -8.03 -21.20
N SER B 92 -5.02 -7.12 -21.91
CA SER B 92 -4.95 -7.22 -23.36
C SER B 92 -3.55 -6.87 -23.85
N ILE B 93 -2.91 -5.87 -23.27
CA ILE B 93 -1.55 -5.57 -23.73
C ILE B 93 -0.59 -6.74 -23.46
N ALA B 94 -0.64 -7.33 -22.27
CA ALA B 94 0.26 -8.42 -21.93
C ALA B 94 -0.05 -9.66 -22.76
N ASN B 95 -1.33 -9.88 -23.00
CA ASN B 95 -1.74 -11.07 -23.74
C ASN B 95 -1.41 -10.92 -25.23
N ASP B 96 -1.57 -9.73 -25.81
CA ASP B 96 -1.30 -9.58 -27.25
C ASP B 96 0.17 -9.42 -27.62
N TYR B 97 0.90 -8.78 -26.74
CA TYR B 97 2.29 -8.48 -27.02
C TYR B 97 3.19 -9.06 -26.00
N SER B 98 3.33 -8.37 -24.90
CA SER B 98 4.20 -8.83 -23.88
C SER B 98 3.89 -8.09 -22.60
N TYR B 99 4.03 -8.75 -21.46
CA TYR B 99 3.81 -8.11 -20.19
C TYR B 99 4.76 -6.92 -20.05
N ASN B 100 5.90 -6.96 -20.77
CA ASN B 100 6.84 -5.86 -20.67
C ASN B 100 6.31 -4.56 -21.22
N GLU B 101 5.24 -4.59 -22.00
CA GLU B 101 4.75 -3.36 -22.58
C GLU B 101 3.56 -2.77 -21.83
N VAL B 102 3.11 -3.44 -20.78
CA VAL B 102 1.91 -2.93 -20.13
C VAL B 102 1.89 -1.43 -19.74
N PHE B 103 3.02 -0.88 -19.29
CA PHE B 103 3.07 0.50 -18.87
C PHE B 103 3.52 1.40 -19.95
N SER B 104 4.54 0.94 -20.69
CA SER B 104 5.10 1.74 -21.74
C SER B 104 4.09 2.09 -22.83
N LYS B 105 3.26 1.14 -23.26
CA LYS B 105 2.26 1.48 -24.25
C LYS B 105 1.30 2.54 -23.71
N GLN B 106 0.96 2.49 -22.43
CA GLN B 106 0.03 3.49 -21.92
C GLN B 106 0.71 4.86 -21.86
N ILE B 107 2.00 4.83 -21.53
CA ILE B 107 2.74 6.07 -21.41
C ILE B 107 2.88 6.71 -22.78
N ARG B 108 3.13 5.89 -23.81
CA ARG B 108 3.27 6.45 -25.14
C ARG B 108 1.99 7.14 -25.58
N ALA B 109 0.86 6.60 -25.18
CA ALA B 109 -0.38 7.24 -25.54
C ALA B 109 -0.75 8.43 -24.66
N LEU B 110 -0.57 8.25 -23.36
CA LEU B 110 -1.02 9.23 -22.39
C LEU B 110 -0.05 10.29 -21.98
N GLY B 111 1.23 9.94 -22.04
CA GLY B 111 2.24 10.87 -21.62
C GLY B 111 2.45 12.02 -22.55
N GLN B 112 2.66 13.16 -21.96
CA GLN B 112 2.86 14.39 -22.65
C GLN B 112 4.12 15.03 -22.13
N PRO B 113 4.79 15.80 -22.98
CA PRO B 113 6.02 16.47 -22.54
C PRO B 113 5.74 17.30 -21.28
N GLY B 114 6.59 17.11 -20.28
CA GLY B 114 6.38 17.85 -19.05
C GLY B 114 5.60 17.03 -18.03
N ASP B 115 5.02 15.90 -18.44
CA ASP B 115 4.33 15.07 -17.47
C ASP B 115 5.41 14.36 -16.64
N VAL B 116 5.01 13.72 -15.58
CA VAL B 116 5.96 13.03 -14.75
C VAL B 116 5.55 11.56 -14.54
N LEU B 117 6.53 10.69 -14.57
CA LEU B 117 6.31 9.27 -14.33
C LEU B 117 6.89 8.92 -12.95
N LEU B 118 6.07 8.33 -12.10
CA LEU B 118 6.47 7.85 -10.79
C LEU B 118 6.65 6.31 -11.08
N ALA B 119 7.89 5.87 -11.18
CA ALA B 119 8.25 4.47 -11.48
C ALA B 119 8.67 3.81 -10.16
N ILE B 120 7.93 2.79 -9.74
CA ILE B 120 8.16 2.14 -8.45
C ILE B 120 8.66 0.72 -8.56
N SER B 121 9.78 0.38 -7.95
CA SER B 121 10.34 -0.99 -8.03
C SER B 121 11.32 -1.18 -6.88
N THR B 122 11.19 -2.27 -6.13
CA THR B 122 12.09 -2.45 -5.02
C THR B 122 13.44 -2.94 -5.51
N SER B 123 13.51 -3.48 -6.72
CA SER B 123 14.80 -3.98 -7.19
C SER B 123 15.36 -3.06 -8.26
N GLY B 124 14.48 -2.32 -8.90
CA GLY B 124 14.93 -1.46 -9.98
C GLY B 124 15.09 -2.33 -11.22
N ASN B 125 14.76 -3.62 -11.12
CA ASN B 125 14.90 -4.49 -12.25
C ASN B 125 13.67 -5.01 -12.95
N SER B 126 12.49 -4.46 -12.67
CA SER B 126 11.29 -4.96 -13.36
C SER B 126 11.29 -4.47 -14.78
N ALA B 127 11.21 -5.39 -15.73
CA ALA B 127 11.28 -4.99 -17.12
C ALA B 127 10.20 -4.00 -17.54
N ASN B 128 8.96 -4.23 -17.09
CA ASN B 128 7.95 -3.29 -17.52
C ASN B 128 8.19 -1.87 -17.05
N VAL B 129 8.76 -1.71 -15.86
CA VAL B 129 9.02 -0.37 -15.36
C VAL B 129 10.21 0.23 -16.09
N ILE B 130 11.20 -0.60 -16.39
CA ILE B 130 12.37 -0.18 -17.14
C ILE B 130 11.83 0.32 -18.51
N GLN B 131 10.97 -0.45 -19.17
CA GLN B 131 10.42 0.01 -20.43
C GLN B 131 9.52 1.26 -20.22
N ALA B 132 8.96 1.45 -19.02
CA ALA B 132 8.08 2.60 -18.77
C ALA B 132 8.93 3.85 -18.76
N ILE B 133 10.06 3.76 -18.09
CA ILE B 133 11.01 4.87 -18.04
C ILE B 133 11.47 5.25 -19.47
N GLN B 134 11.79 4.24 -20.27
CA GLN B 134 12.24 4.56 -21.61
C GLN B 134 11.08 5.20 -22.32
N ALA B 135 9.86 4.73 -22.10
CA ALA B 135 8.74 5.42 -22.77
C ALA B 135 8.53 6.86 -22.25
N ALA B 136 8.74 7.10 -20.96
CA ALA B 136 8.56 8.47 -20.42
C ALA B 136 9.64 9.36 -21.05
N HIS B 137 10.82 8.81 -21.26
CA HIS B 137 11.83 9.62 -21.87
C HIS B 137 11.44 9.94 -23.29
N ASP B 138 10.93 8.97 -24.02
CA ASP B 138 10.55 9.24 -25.38
C ASP B 138 9.41 10.25 -25.45
N ARG B 139 8.62 10.40 -24.38
CA ARG B 139 7.54 11.37 -24.39
C ARG B 139 7.97 12.66 -23.71
N GLU B 140 9.27 12.81 -23.48
CA GLU B 140 9.84 14.01 -22.83
C GLU B 140 9.28 14.29 -21.43
N MET B 141 9.15 13.21 -20.67
CA MET B 141 8.64 13.29 -19.34
C MET B 141 9.79 13.14 -18.38
N LEU B 142 9.59 13.65 -17.20
CA LEU B 142 10.63 13.49 -16.21
C LEU B 142 10.22 12.25 -15.46
N VAL B 143 11.20 11.60 -14.83
CA VAL B 143 10.94 10.40 -14.08
C VAL B 143 11.35 10.51 -12.62
N VAL B 144 10.43 10.09 -11.73
CA VAL B 144 10.79 10.00 -10.34
C VAL B 144 10.77 8.48 -10.10
N ALA B 145 11.93 7.92 -9.81
CA ALA B 145 12.02 6.47 -9.60
C ALA B 145 12.14 6.12 -8.13
N LEU B 146 11.23 5.32 -7.59
CA LEU B 146 11.30 4.86 -6.17
C LEU B 146 11.94 3.47 -6.30
N THR B 147 13.14 3.31 -5.81
CA THR B 147 13.81 2.05 -5.96
C THR B 147 14.38 1.58 -4.64
N GLY B 148 15.21 0.55 -4.75
CA GLY B 148 15.88 -0.06 -3.62
C GLY B 148 17.12 -0.83 -4.14
N ARG B 149 17.74 -1.59 -3.25
CA ARG B 149 18.93 -2.35 -3.61
C ARG B 149 19.94 -1.44 -4.29
N ASP B 150 20.42 -1.82 -5.47
CA ASP B 150 21.40 -0.95 -6.13
C ASP B 150 20.77 -0.11 -7.27
N GLY B 151 19.46 0.03 -7.32
CA GLY B 151 18.85 0.80 -8.39
C GLY B 151 18.52 -0.03 -9.63
N GLY B 152 19.27 -1.11 -9.83
CA GLY B 152 19.06 -1.99 -10.96
C GLY B 152 19.15 -1.32 -12.32
N GLY B 153 18.49 -1.90 -13.30
CA GLY B 153 18.47 -1.36 -14.64
C GLY B 153 17.73 -0.03 -14.66
N MET B 154 16.79 0.18 -13.76
CA MET B 154 16.10 1.45 -13.72
C MET B 154 17.06 2.63 -13.47
N ALA B 155 17.92 2.46 -12.47
CA ALA B 155 18.89 3.49 -12.18
C ALA B 155 19.78 3.87 -13.38
N SER B 156 20.26 2.89 -14.14
CA SER B 156 21.13 3.26 -15.25
C SER B 156 20.44 3.96 -16.39
N LEU B 157 19.11 3.98 -16.37
CA LEU B 157 18.41 4.63 -17.46
C LEU B 157 18.10 6.06 -17.11
N LEU B 158 18.22 6.42 -15.86
CA LEU B 158 17.86 7.75 -15.50
C LEU B 158 18.74 8.85 -16.08
N LEU B 159 18.11 9.95 -16.44
CA LEU B 159 18.81 11.08 -17.00
C LEU B 159 19.07 12.12 -15.89
N PRO B 160 19.91 13.13 -16.16
CA PRO B 160 20.24 14.18 -15.19
C PRO B 160 19.05 14.88 -14.55
N GLU B 161 17.97 15.10 -15.26
CA GLU B 161 16.83 15.81 -14.64
C GLU B 161 15.89 14.87 -13.86
N ASP B 162 16.15 13.55 -13.98
CA ASP B 162 15.34 12.57 -13.27
C ASP B 162 15.80 12.55 -11.82
N VAL B 163 14.95 11.98 -10.96
CA VAL B 163 15.27 11.88 -9.56
C VAL B 163 15.03 10.44 -9.09
N GLU B 164 16.01 9.89 -8.41
CA GLU B 164 15.91 8.56 -7.85
C GLU B 164 15.85 8.65 -6.32
N ILE B 165 14.94 7.89 -5.73
CA ILE B 165 14.80 7.83 -4.31
C ILE B 165 15.12 6.35 -4.09
N ARG B 166 16.39 6.06 -3.83
CA ARG B 166 16.82 4.68 -3.66
C ARG B 166 16.90 4.30 -2.18
N VAL B 167 15.98 3.42 -1.73
CA VAL B 167 15.99 3.03 -0.34
C VAL B 167 17.23 2.19 -0.06
N PRO B 168 17.96 2.53 1.01
CA PRO B 168 19.19 1.80 1.42
C PRO B 168 18.87 0.43 2.11
N SER B 169 18.31 -0.51 1.33
CA SER B 169 17.89 -1.83 1.83
C SER B 169 17.86 -2.86 0.68
N LYS B 170 17.92 -4.13 1.02
CA LYS B 170 17.86 -5.16 0.01
C LYS B 170 16.59 -5.96 0.22
N ILE B 171 15.83 -5.60 1.23
CA ILE B 171 14.63 -6.35 1.52
C ILE B 171 13.40 -5.68 0.97
N THR B 172 12.72 -6.37 0.06
CA THR B 172 11.54 -5.83 -0.58
C THR B 172 10.51 -5.28 0.39
N ALA B 173 10.15 -6.03 1.41
CA ALA B 173 9.11 -5.51 2.29
C ALA B 173 9.57 -4.26 3.04
N ARG B 174 10.88 -4.17 3.32
CA ARG B 174 11.38 -2.99 4.02
C ARG B 174 11.37 -1.86 3.02
N ILE B 175 11.78 -2.13 1.80
CA ILE B 175 11.79 -1.06 0.82
C ILE B 175 10.37 -0.47 0.54
N GLN B 176 9.35 -1.32 0.53
CA GLN B 176 7.97 -0.90 0.29
C GLN B 176 7.52 -0.03 1.44
N GLU B 177 7.94 -0.38 2.65
CA GLU B 177 7.51 0.41 3.81
C GLU B 177 8.09 1.81 3.68
N VAL B 178 9.35 1.90 3.25
CA VAL B 178 9.95 3.22 3.08
C VAL B 178 9.34 3.88 1.84
N HIS B 179 8.99 3.11 0.81
CA HIS B 179 8.39 3.78 -0.36
C HIS B 179 7.05 4.42 0.05
N LEU B 180 6.28 3.76 0.93
CA LEU B 180 5.00 4.31 1.33
C LEU B 180 5.19 5.63 2.07
N LEU B 181 6.19 5.66 2.95
CA LEU B 181 6.44 6.85 3.73
C LEU B 181 6.93 7.94 2.74
N ALA B 182 7.81 7.57 1.80
CA ALA B 182 8.29 8.56 0.83
C ALA B 182 7.10 9.19 0.07
N ILE B 183 6.13 8.38 -0.28
CA ILE B 183 4.94 8.85 -1.00
C ILE B 183 4.14 9.83 -0.11
N HIS B 184 4.02 9.50 1.16
CA HIS B 184 3.33 10.40 2.06
C HIS B 184 4.10 11.71 2.17
N CYS B 185 5.42 11.63 2.08
CA CYS B 185 6.25 12.84 2.14
C CYS B 185 6.05 13.68 0.88
N LEU B 186 6.03 13.03 -0.29
CA LEU B 186 5.81 13.75 -1.55
C LEU B 186 4.42 14.41 -1.54
N CYS B 187 3.40 13.73 -1.05
CA CYS B 187 2.06 14.32 -1.01
C CYS B 187 2.03 15.50 -0.09
N ASP B 188 2.75 15.37 1.02
CA ASP B 188 2.80 16.44 1.95
C ASP B 188 3.53 17.65 1.34
N LEU B 189 4.67 17.40 0.68
CA LEU B 189 5.42 18.50 0.07
C LEU B 189 4.70 19.12 -1.10
N ILE B 190 3.98 18.32 -1.87
CA ILE B 190 3.26 18.86 -2.97
C ILE B 190 2.19 19.87 -2.48
N ASP B 191 1.43 19.52 -1.43
CA ASP B 191 0.41 20.44 -0.88
C ASP B 191 1.07 21.70 -0.31
N ARG B 192 2.16 21.50 0.43
CA ARG B 192 2.91 22.59 1.03
C ARG B 192 3.32 23.62 -0.06
N GLN B 193 3.98 23.13 -1.10
CA GLN B 193 4.43 23.95 -2.20
C GLN B 193 3.27 24.50 -3.03
N LEU B 194 2.27 23.68 -3.35
CA LEU B 194 1.19 24.26 -4.12
C LEU B 194 0.28 25.23 -3.36
N PHE B 195 -0.04 24.95 -2.11
CA PHE B 195 -0.98 25.82 -1.44
C PHE B 195 -0.41 26.52 -0.25
N GLY B 196 0.88 26.32 -0.04
CA GLY B 196 1.53 26.97 1.08
C GLY B 196 1.22 26.40 2.44
N SER B 197 1.55 27.19 3.45
CA SER B 197 1.29 26.88 4.87
C SER B 197 2.21 25.76 5.34
#